data_8PA6
#
_entry.id   8PA6
#
_cell.length_a   78.845
_cell.length_b   46.324
_cell.length_c   63.971
_cell.angle_alpha   90.000
_cell.angle_beta   94.799
_cell.angle_gamma   90.000
#
_symmetry.space_group_name_H-M   'C 1 2 1'
#
loop_
_entity.id
_entity.type
_entity.pdbx_description
1 polymer 'Histidine triad nucleotide-binding protein 1'
2 non-polymer "5'-O-[(3-Indolyl)-1-Ethyl]Carbamoyl 2-aminoethenoadenosine"
3 water water
#
_entity_poly.entity_id   1
_entity_poly.type   'polypeptide(L)'
_entity_poly.pdbx_seq_one_letter_code
;MADEIAKAQVARPGGDTIFGKIIRKEIPAKIIFEDDRCLAFHDISPQAPTHFLVIPKKHISQISVAEDDDESLLGHLMIV
GKKCAADLGLNKGYRMVVNEGSDGGQSVYHVHLHVLGGRQMHWPPG
;
_entity_poly.pdbx_strand_id   A,B
#
loop_
_chem_comp.id
_chem_comp.type
_chem_comp.name
_chem_comp.formula
XKB non-polymer '5'-O-[(3-Indolyl)-1-Ethyl]Carbamoyl 2-aminoethenoadenosine' 'C23 H24 N8 O5'
#
# COMPACT_ATOMS: atom_id res chain seq x y z
N ARG A 12 -14.88 24.87 2.35
CA ARG A 12 -13.96 24.02 1.53
C ARG A 12 -13.71 22.70 2.27
N PRO A 13 -14.66 21.74 2.13
CA PRO A 13 -14.49 20.38 2.64
C PRO A 13 -13.30 19.66 2.03
N GLY A 14 -12.44 19.17 2.93
CA GLY A 14 -11.33 18.30 2.56
C GLY A 14 -9.98 19.00 2.61
N GLY A 15 -10.00 20.31 2.89
CA GLY A 15 -8.77 21.02 3.21
C GLY A 15 -8.07 21.58 1.97
N ASP A 16 -6.94 22.26 2.23
CA ASP A 16 -6.27 23.06 1.21
C ASP A 16 -4.89 22.51 0.87
N THR A 17 -4.62 21.21 1.14
CA THR A 17 -3.50 20.62 0.42
C THR A 17 -3.86 20.65 -1.05
N ILE A 18 -2.84 20.50 -1.90
CA ILE A 18 -3.00 20.36 -3.34
C ILE A 18 -4.05 19.30 -3.64
N PHE A 19 -4.06 18.19 -2.88
CA PHE A 19 -4.98 17.11 -3.19
C PHE A 19 -6.41 17.50 -2.84
N GLY A 20 -6.59 18.17 -1.73
CA GLY A 20 -7.89 18.72 -1.39
C GLY A 20 -8.46 19.60 -2.50
N LYS A 21 -7.61 20.38 -3.13
CA LYS A 21 -8.03 21.26 -4.20
C LYS A 21 -8.33 20.49 -5.46
N ILE A 22 -7.53 19.47 -5.76
CA ILE A 22 -7.86 18.60 -6.88
C ILE A 22 -9.24 17.96 -6.69
N ILE A 23 -9.53 17.49 -5.48
CA ILE A 23 -10.83 16.88 -5.20
C ILE A 23 -12.00 17.83 -5.54
N ARG A 24 -11.82 19.11 -5.21
CA ARG A 24 -12.86 20.11 -5.46
C ARG A 24 -12.78 20.76 -6.86
N LYS A 25 -11.94 20.21 -7.76
CA LYS A 25 -11.83 20.62 -9.15
C LYS A 25 -11.30 22.07 -9.22
N GLU A 26 -10.53 22.50 -8.21
CA GLU A 26 -9.95 23.83 -8.17
C GLU A 26 -8.61 23.87 -8.88
N ILE A 27 -7.93 22.72 -8.91
CA ILE A 27 -6.67 22.55 -9.62
C ILE A 27 -6.89 21.37 -10.57
N PRO A 28 -6.55 21.50 -11.87
N PRO A 28 -6.44 21.46 -11.84
CA PRO A 28 -6.81 20.43 -12.83
CA PRO A 28 -6.75 20.44 -12.83
C PRO A 28 -5.94 19.20 -12.59
C PRO A 28 -5.91 19.20 -12.62
N ALA A 29 -6.50 18.05 -12.94
CA ALA A 29 -5.78 16.79 -12.89
C ALA A 29 -6.35 15.87 -13.97
N LYS A 30 -5.58 14.86 -14.33
CA LYS A 30 -6.00 13.86 -15.29
C LYS A 30 -6.62 12.68 -14.55
N ILE A 31 -7.95 12.69 -14.44
N ILE A 31 -7.95 12.72 -14.46
CA ILE A 31 -8.64 11.79 -13.54
CA ILE A 31 -8.71 11.78 -13.65
C ILE A 31 -9.01 10.51 -14.28
C ILE A 31 -8.87 10.47 -14.38
N ILE A 32 -8.71 9.36 -13.64
CA ILE A 32 -8.90 8.02 -14.15
C ILE A 32 -10.26 7.47 -13.70
N PHE A 33 -10.55 7.69 -12.43
CA PHE A 33 -11.72 7.14 -11.76
C PHE A 33 -12.11 8.01 -10.59
N GLU A 34 -13.43 8.13 -10.34
CA GLU A 34 -13.88 8.88 -9.19
C GLU A 34 -15.13 8.20 -8.63
N ASP A 35 -15.19 8.11 -7.30
CA ASP A 35 -16.45 7.75 -6.63
C ASP A 35 -16.62 8.63 -5.40
N ASP A 36 -17.61 8.29 -4.54
CA ASP A 36 -17.91 9.08 -3.36
C ASP A 36 -16.80 9.04 -2.31
N ARG A 37 -15.91 8.01 -2.39
CA ARG A 37 -14.91 7.78 -1.37
C ARG A 37 -13.49 8.20 -1.79
N CYS A 38 -13.25 8.21 -3.11
CA CYS A 38 -11.87 8.34 -3.55
C CYS A 38 -11.79 8.91 -4.96
N LEU A 39 -10.53 9.21 -5.33
CA LEU A 39 -10.20 9.78 -6.64
C LEU A 39 -8.87 9.20 -7.10
N ALA A 40 -8.83 8.72 -8.33
CA ALA A 40 -7.60 8.21 -8.95
C ALA A 40 -7.20 9.15 -10.09
N PHE A 41 -5.92 9.58 -10.11
CA PHE A 41 -5.50 10.53 -11.11
C PHE A 41 -4.00 10.35 -11.34
N HIS A 42 -3.52 10.71 -12.53
CA HIS A 42 -2.13 10.54 -12.90
C HIS A 42 -1.21 11.47 -12.09
N ASP A 43 -0.02 10.96 -11.76
CA ASP A 43 0.97 11.75 -11.06
C ASP A 43 1.66 12.72 -12.03
N ILE A 44 1.86 13.97 -11.58
CA ILE A 44 2.43 15.01 -12.44
C ILE A 44 3.92 14.82 -12.68
N SER A 45 4.57 14.04 -11.81
N SER A 45 4.55 13.99 -11.85
CA SER A 45 6.00 13.70 -11.94
CA SER A 45 5.99 13.71 -11.96
C SER A 45 6.17 12.19 -11.98
C SER A 45 6.20 12.20 -11.98
N PRO A 46 5.74 11.52 -13.06
CA PRO A 46 5.73 10.05 -13.06
C PRO A 46 7.13 9.46 -12.99
N GLN A 47 7.24 8.37 -12.21
CA GLN A 47 8.48 7.66 -11.98
C GLN A 47 8.48 6.30 -12.68
N ALA A 48 7.45 6.05 -13.45
CA ALA A 48 7.32 4.86 -14.28
C ALA A 48 6.43 5.21 -15.46
N PRO A 49 6.41 4.38 -16.53
CA PRO A 49 5.60 4.68 -17.71
C PRO A 49 4.15 4.98 -17.40
N THR A 50 3.61 4.26 -16.40
CA THR A 50 2.33 4.58 -15.79
C THR A 50 2.56 4.80 -14.30
N HIS A 51 2.05 5.93 -13.79
CA HIS A 51 2.23 6.29 -12.38
C HIS A 51 1.03 7.16 -12.00
N PHE A 52 0.11 6.60 -11.21
CA PHE A 52 -1.05 7.35 -10.76
C PHE A 52 -1.20 7.24 -9.24
N LEU A 53 -2.11 8.06 -8.71
CA LEU A 53 -2.42 8.15 -7.30
C LEU A 53 -3.87 7.78 -7.06
N VAL A 54 -4.14 7.13 -5.93
CA VAL A 54 -5.51 6.96 -5.43
C VAL A 54 -5.56 7.60 -4.05
N ILE A 55 -6.49 8.54 -3.87
CA ILE A 55 -6.57 9.29 -2.63
C ILE A 55 -8.01 9.22 -2.11
N PRO A 56 -8.17 9.30 -0.79
CA PRO A 56 -9.51 9.41 -0.23
C PRO A 56 -10.03 10.83 -0.43
N LYS A 57 -11.36 10.98 -0.53
CA LYS A 57 -11.92 12.31 -0.53
C LYS A 57 -11.93 12.87 0.89
N LYS A 58 -12.11 11.99 1.88
CA LYS A 58 -11.92 12.37 3.27
C LYS A 58 -10.48 12.75 3.50
N HIS A 59 -10.24 13.92 4.08
CA HIS A 59 -8.87 14.31 4.32
C HIS A 59 -8.32 13.63 5.57
N ILE A 60 -7.27 12.84 5.37
CA ILE A 60 -6.46 12.21 6.40
C ILE A 60 -5.04 12.66 6.09
N SER A 61 -4.32 13.25 7.05
CA SER A 61 -3.02 13.85 6.74
C SER A 61 -1.97 12.81 6.34
N GLN A 62 -1.95 11.67 7.01
CA GLN A 62 -0.87 10.70 6.86
C GLN A 62 -1.35 9.39 7.48
N ILE A 63 -0.80 8.28 7.03
CA ILE A 63 -1.30 6.99 7.44
C ILE A 63 -1.08 6.81 8.94
N SER A 64 -0.06 7.44 9.53
CA SER A 64 0.21 7.24 10.95
C SER A 64 -0.94 7.77 11.83
N VAL A 65 -1.82 8.64 11.31
CA VAL A 65 -2.92 9.14 12.13
C VAL A 65 -4.28 8.63 11.64
N ALA A 66 -4.31 7.66 10.73
CA ALA A 66 -5.58 7.08 10.31
C ALA A 66 -6.29 6.43 11.51
N GLU A 67 -7.61 6.56 11.52
N GLU A 67 -7.61 6.58 11.55
CA GLU A 67 -8.45 6.01 12.57
CA GLU A 67 -8.42 6.01 12.61
C GLU A 67 -8.69 4.53 12.27
C GLU A 67 -8.68 4.54 12.28
N ASP A 68 -9.01 3.74 13.31
CA ASP A 68 -9.43 2.38 13.08
C ASP A 68 -10.61 2.28 12.11
N ASP A 69 -11.57 3.23 12.16
N ASP A 69 -11.55 3.24 12.19
CA ASP A 69 -12.75 3.14 11.30
CA ASP A 69 -12.75 3.22 11.35
C ASP A 69 -12.46 3.70 9.91
C ASP A 69 -12.43 3.56 9.89
N ASP A 70 -11.18 3.99 9.62
CA ASP A 70 -10.72 4.30 8.26
C ASP A 70 -10.29 3.03 7.51
N GLU A 71 -10.41 1.85 8.12
CA GLU A 71 -9.94 0.62 7.52
C GLU A 71 -10.56 0.33 6.14
N SER A 72 -11.89 0.38 6.07
N SER A 72 -11.88 0.39 6.01
CA SER A 72 -12.61 0.11 4.84
CA SER A 72 -12.48 0.00 4.75
C SER A 72 -12.14 1.04 3.71
C SER A 72 -12.16 1.04 3.67
N LEU A 73 -11.94 2.31 4.08
CA LEU A 73 -11.56 3.36 3.13
C LEU A 73 -10.16 3.09 2.57
N LEU A 74 -9.24 2.73 3.45
CA LEU A 74 -7.90 2.40 3.03
C LEU A 74 -7.89 1.20 2.09
N GLY A 75 -8.62 0.13 2.46
CA GLY A 75 -8.85 -0.96 1.58
C GLY A 75 -9.42 -0.56 0.23
N HIS A 76 -10.35 0.39 0.23
CA HIS A 76 -10.97 0.82 -1.01
C HIS A 76 -9.96 1.50 -1.92
N LEU A 77 -8.97 2.20 -1.34
CA LEU A 77 -7.91 2.76 -2.17
C LEU A 77 -7.21 1.66 -2.94
N MET A 78 -6.92 0.51 -2.29
N MET A 78 -6.95 0.51 -2.29
CA MET A 78 -6.18 -0.55 -2.94
CA MET A 78 -6.17 -0.54 -2.90
C MET A 78 -7.03 -1.25 -3.99
C MET A 78 -7.01 -1.30 -3.94
N ILE A 79 -8.31 -1.50 -3.68
CA ILE A 79 -9.19 -2.15 -4.65
C ILE A 79 -9.36 -1.28 -5.87
N VAL A 80 -9.57 0.02 -5.67
CA VAL A 80 -9.68 0.94 -6.80
C VAL A 80 -8.35 1.01 -7.55
N GLY A 81 -7.26 1.03 -6.80
CA GLY A 81 -5.94 1.01 -7.42
C GLY A 81 -5.74 -0.20 -8.34
N LYS A 82 -6.09 -1.40 -7.88
CA LYS A 82 -5.85 -2.60 -8.68
C LYS A 82 -6.83 -2.61 -9.85
N LYS A 83 -8.07 -2.13 -9.68
CA LYS A 83 -8.99 -2.08 -10.81
C LYS A 83 -8.52 -1.09 -11.88
N CYS A 84 -8.04 0.07 -11.44
CA CYS A 84 -7.54 1.06 -12.37
C CYS A 84 -6.31 0.53 -13.12
N ALA A 85 -5.42 -0.21 -12.42
CA ALA A 85 -4.26 -0.77 -13.05
C ALA A 85 -4.66 -1.74 -14.15
N ALA A 86 -5.67 -2.55 -13.87
CA ALA A 86 -6.20 -3.46 -14.88
C ALA A 86 -6.80 -2.72 -16.08
N ASP A 87 -7.60 -1.68 -15.83
CA ASP A 87 -8.21 -0.89 -16.89
C ASP A 87 -7.15 -0.18 -17.74
N LEU A 88 -5.99 0.15 -17.13
CA LEU A 88 -4.90 0.83 -17.83
C LEU A 88 -3.94 -0.17 -18.50
N GLY A 89 -4.28 -1.46 -18.43
CA GLY A 89 -3.52 -2.48 -19.14
C GLY A 89 -2.16 -2.82 -18.57
N LEU A 90 -2.00 -2.68 -17.24
CA LEU A 90 -0.76 -3.09 -16.56
C LEU A 90 -0.77 -4.59 -16.28
N ASN A 91 -0.71 -5.34 -17.39
N ASN A 91 -0.84 -5.42 -17.34
CA ASN A 91 -0.87 -6.78 -17.37
CA ASN A 91 -1.06 -6.86 -17.20
C ASN A 91 0.35 -7.45 -16.72
C ASN A 91 0.23 -7.61 -16.86
N LYS A 92 1.56 -6.85 -16.83
N LYS A 92 1.35 -6.90 -16.70
CA LYS A 92 2.74 -7.50 -16.28
CA LYS A 92 2.56 -7.56 -16.25
C LYS A 92 2.92 -7.18 -14.79
C LYS A 92 2.86 -7.22 -14.80
N GLY A 93 2.05 -6.33 -14.21
CA GLY A 93 2.10 -6.05 -12.79
C GLY A 93 2.39 -4.59 -12.49
N TYR A 94 2.59 -4.33 -11.19
CA TYR A 94 2.71 -2.95 -10.73
C TYR A 94 3.09 -2.99 -9.27
N ARG A 95 3.46 -1.81 -8.75
CA ARG A 95 3.80 -1.63 -7.36
C ARG A 95 2.93 -0.55 -6.76
N MET A 96 2.46 -0.80 -5.55
CA MET A 96 1.64 0.12 -4.81
C MET A 96 2.49 0.61 -3.63
N VAL A 97 2.50 1.92 -3.36
CA VAL A 97 3.34 2.50 -2.32
C VAL A 97 2.55 3.54 -1.52
N VAL A 98 2.63 3.44 -0.19
CA VAL A 98 2.18 4.53 0.66
C VAL A 98 3.38 5.03 1.44
N ASN A 99 3.63 6.34 1.43
CA ASN A 99 4.75 6.93 2.16
C ASN A 99 4.25 7.61 3.42
N GLU A 100 4.97 7.45 4.53
CA GLU A 100 4.61 8.12 5.77
C GLU A 100 5.78 8.97 6.21
N GLY A 101 5.51 10.28 6.33
CA GLY A 101 6.44 11.16 7.02
C GLY A 101 7.75 11.37 6.28
N SER A 102 8.77 11.83 7.04
CA SER A 102 10.02 12.28 6.44
C SER A 102 10.81 11.12 5.85
N ASP A 103 11.00 10.06 6.64
CA ASP A 103 11.77 8.92 6.18
C ASP A 103 11.00 8.18 5.08
N GLY A 104 9.68 8.23 5.08
CA GLY A 104 8.95 7.56 4.00
C GLY A 104 8.98 8.32 2.68
N GLY A 105 9.22 9.64 2.75
CA GLY A 105 9.22 10.52 1.60
C GLY A 105 7.85 11.06 1.26
N GLN A 106 7.16 11.64 2.23
CA GLN A 106 5.87 12.28 2.01
C GLN A 106 6.06 13.78 1.79
N SER A 107 5.56 14.32 0.66
CA SER A 107 5.62 15.74 0.36
C SER A 107 4.25 16.39 0.38
N VAL A 108 3.19 15.61 0.27
CA VAL A 108 1.84 16.12 0.34
C VAL A 108 1.18 15.43 1.53
N TYR A 109 0.66 16.18 2.50
CA TYR A 109 0.13 15.59 3.71
C TYR A 109 -1.38 15.40 3.54
N HIS A 110 -1.71 14.50 2.60
CA HIS A 110 -3.04 13.95 2.41
C HIS A 110 -2.76 12.52 1.95
N VAL A 111 -3.31 11.54 2.68
CA VAL A 111 -2.98 10.14 2.44
C VAL A 111 -3.13 9.82 0.95
N HIS A 112 -2.18 9.08 0.40
CA HIS A 112 -2.31 8.73 -1.02
C HIS A 112 -1.56 7.41 -1.30
N LEU A 113 -2.12 6.65 -2.25
CA LEU A 113 -1.57 5.41 -2.73
C LEU A 113 -0.98 5.63 -4.12
N HIS A 114 0.34 5.46 -4.26
CA HIS A 114 1.00 5.46 -5.57
C HIS A 114 0.81 4.08 -6.20
N VAL A 115 0.56 4.09 -7.51
CA VAL A 115 0.54 2.87 -8.30
C VAL A 115 1.44 3.09 -9.50
N LEU A 116 2.50 2.27 -9.62
CA LEU A 116 3.51 2.43 -10.66
C LEU A 116 3.59 1.16 -11.49
N GLY A 117 3.70 1.30 -12.81
CA GLY A 117 3.92 0.12 -13.63
C GLY A 117 4.31 0.51 -15.04
N GLY A 118 4.32 -0.50 -15.94
CA GLY A 118 4.76 -0.32 -17.30
C GLY A 118 6.27 -0.46 -17.49
N ARG A 119 7.00 -0.81 -16.41
CA ARG A 119 8.40 -1.20 -16.51
C ARG A 119 8.67 -2.17 -15.35
N GLN A 120 9.82 -2.83 -15.40
CA GLN A 120 10.30 -3.60 -14.28
C GLN A 120 10.63 -2.65 -13.12
N MET A 121 9.98 -2.91 -11.98
CA MET A 121 10.31 -2.23 -10.75
C MET A 121 11.42 -3.04 -10.06
N HIS A 122 12.29 -2.31 -9.38
CA HIS A 122 13.47 -2.86 -8.79
C HIS A 122 13.37 -2.98 -7.27
N TRP A 123 14.32 -3.73 -6.69
CA TRP A 123 14.37 -3.94 -5.27
C TRP A 123 15.74 -3.48 -4.79
N PRO A 124 15.87 -2.75 -3.67
CA PRO A 124 14.76 -2.39 -2.78
C PRO A 124 13.89 -1.28 -3.35
N PRO A 125 12.69 -1.07 -2.77
CA PRO A 125 11.74 -0.08 -3.31
C PRO A 125 12.08 1.33 -2.78
N GLY A 126 13.23 1.84 -3.19
CA GLY A 126 13.86 3.02 -2.63
C GLY A 126 14.59 2.70 -1.33
N GLY B 14 -2.19 -20.65 5.81
CA GLY B 14 -3.06 -20.31 4.67
C GLY B 14 -2.29 -20.34 3.36
N GLY B 15 -2.39 -21.43 2.62
CA GLY B 15 -1.76 -21.48 1.31
C GLY B 15 -0.55 -22.41 1.17
N ASP B 16 -0.24 -22.64 -0.12
CA ASP B 16 0.87 -23.43 -0.62
C ASP B 16 2.07 -22.53 -0.94
N THR B 17 2.39 -21.58 -0.05
CA THR B 17 3.63 -20.83 -0.16
C THR B 17 4.34 -20.86 1.19
N ILE B 18 5.56 -20.33 1.22
CA ILE B 18 6.32 -20.22 2.46
C ILE B 18 5.57 -19.38 3.49
N PHE B 19 4.73 -18.44 3.04
CA PHE B 19 3.97 -17.62 3.99
C PHE B 19 2.88 -18.43 4.65
N GLY B 20 2.31 -19.40 3.89
CA GLY B 20 1.37 -20.36 4.45
C GLY B 20 2.01 -21.17 5.58
N LYS B 21 3.28 -21.56 5.40
CA LYS B 21 4.01 -22.30 6.41
C LYS B 21 4.24 -21.43 7.65
N ILE B 22 4.49 -20.16 7.42
CA ILE B 22 4.71 -19.25 8.51
C ILE B 22 3.41 -19.09 9.32
N ILE B 23 2.28 -18.86 8.65
CA ILE B 23 1.00 -18.72 9.32
C ILE B 23 0.68 -19.98 10.14
N ARG B 24 1.01 -21.16 9.59
CA ARG B 24 0.69 -22.42 10.24
C ARG B 24 1.71 -22.79 11.32
N LYS B 25 2.75 -21.94 11.50
N LYS B 25 2.74 -21.93 11.52
CA LYS B 25 3.76 -22.07 12.54
CA LYS B 25 3.77 -22.07 12.54
C LYS B 25 4.62 -23.31 12.27
C LYS B 25 4.68 -23.25 12.25
N GLU B 26 4.71 -23.70 10.99
CA GLU B 26 5.51 -24.86 10.59
C GLU B 26 6.99 -24.50 10.44
N ILE B 27 7.30 -23.24 10.15
CA ILE B 27 8.67 -22.78 10.17
C ILE B 27 8.75 -21.53 11.02
N PRO B 28 9.93 -21.21 11.54
CA PRO B 28 10.04 -20.02 12.36
C PRO B 28 10.07 -18.70 11.57
N ALA B 29 9.52 -17.71 12.25
CA ALA B 29 9.56 -16.33 11.86
C ALA B 29 9.51 -15.51 13.12
N LYS B 30 10.04 -14.28 13.04
N LYS B 30 10.10 -14.30 13.10
CA LYS B 30 10.06 -13.32 14.13
CA LYS B 30 9.99 -13.43 14.25
C LYS B 30 8.71 -12.58 14.13
C LYS B 30 8.70 -12.65 14.10
N ILE B 31 7.71 -13.10 14.87
CA ILE B 31 6.35 -12.58 14.84
C ILE B 31 6.28 -11.31 15.67
N ILE B 32 5.65 -10.30 15.10
CA ILE B 32 5.46 -9.01 15.74
C ILE B 32 4.04 -8.92 16.33
N PHE B 33 3.05 -9.37 15.56
CA PHE B 33 1.65 -9.22 15.93
C PHE B 33 0.85 -10.29 15.23
N GLU B 34 -0.22 -10.76 15.86
CA GLU B 34 -1.12 -11.72 15.24
C GLU B 34 -2.53 -11.37 15.73
N ASP B 35 -3.52 -11.55 14.87
CA ASP B 35 -4.90 -11.59 15.31
C ASP B 35 -5.59 -12.73 14.59
N ASP B 36 -6.90 -12.67 14.49
CA ASP B 36 -7.68 -13.77 13.91
C ASP B 36 -7.62 -13.79 12.38
N ARG B 37 -7.06 -12.75 11.74
CA ARG B 37 -7.18 -12.60 10.30
C ARG B 37 -5.90 -12.14 9.62
N CYS B 38 -4.84 -11.82 10.39
CA CYS B 38 -3.57 -11.38 9.78
C CYS B 38 -2.41 -11.71 10.71
N LEU B 39 -1.19 -11.62 10.14
CA LEU B 39 0.06 -11.89 10.83
C LEU B 39 1.09 -10.88 10.37
N ALA B 40 1.83 -10.33 11.31
CA ALA B 40 2.93 -9.43 11.04
C ALA B 40 4.22 -10.02 11.59
N PHE B 41 5.26 -10.00 10.75
CA PHE B 41 6.52 -10.63 11.09
C PHE B 41 7.65 -9.96 10.31
N HIS B 42 8.86 -10.05 10.88
CA HIS B 42 10.01 -9.40 10.28
C HIS B 42 10.38 -10.14 9.00
N ASP B 43 10.77 -9.39 7.98
CA ASP B 43 11.21 -9.95 6.69
C ASP B 43 12.58 -10.59 6.87
N ILE B 44 12.74 -11.79 6.33
CA ILE B 44 14.03 -12.48 6.43
C ILE B 44 15.13 -11.83 5.57
N SER B 45 14.76 -11.01 4.59
N SER B 45 14.77 -11.03 4.57
CA SER B 45 15.69 -10.32 3.70
CA SER B 45 15.73 -10.32 3.72
C SER B 45 15.49 -8.81 3.83
C SER B 45 15.52 -8.82 3.83
N PRO B 46 15.81 -8.21 4.99
CA PRO B 46 15.43 -6.83 5.23
C PRO B 46 16.19 -5.86 4.33
N GLN B 47 15.45 -4.86 3.85
CA GLN B 47 15.99 -3.85 2.95
C GLN B 47 16.11 -2.50 3.62
N ALA B 48 15.87 -2.47 4.94
CA ALA B 48 15.97 -1.27 5.74
C ALA B 48 16.19 -1.75 7.17
N PRO B 49 16.63 -0.88 8.11
CA PRO B 49 16.88 -1.38 9.46
C PRO B 49 15.66 -1.98 10.15
N THR B 50 14.46 -1.50 9.79
CA THR B 50 13.22 -2.19 10.11
C THR B 50 12.53 -2.53 8.79
N HIS B 51 12.15 -3.79 8.64
CA HIS B 51 11.50 -4.25 7.42
C HIS B 51 10.66 -5.45 7.80
N PHE B 52 9.33 -5.28 7.88
CA PHE B 52 8.42 -6.34 8.23
C PHE B 52 7.29 -6.45 7.19
N LEU B 53 6.54 -7.53 7.34
CA LEU B 53 5.41 -7.86 6.47
C LEU B 53 4.15 -7.97 7.33
N VAL B 54 3.03 -7.61 6.70
CA VAL B 54 1.71 -7.88 7.25
C VAL B 54 0.95 -8.65 6.18
N ILE B 55 0.47 -9.83 6.52
CA ILE B 55 -0.18 -10.69 5.53
C ILE B 55 -1.54 -11.13 6.06
N PRO B 56 -2.53 -11.34 5.18
CA PRO B 56 -3.79 -11.92 5.60
C PRO B 56 -3.59 -13.40 5.85
N LYS B 57 -4.38 -14.00 6.74
CA LYS B 57 -4.36 -15.44 6.87
C LYS B 57 -5.08 -16.10 5.71
N LYS B 58 -6.08 -15.43 5.14
CA LYS B 58 -6.74 -15.89 3.92
C LYS B 58 -5.74 -15.87 2.75
N HIS B 59 -5.66 -16.97 1.99
CA HIS B 59 -4.69 -17.06 0.90
C HIS B 59 -5.23 -16.36 -0.35
N ILE B 60 -4.97 -15.08 -0.43
CA ILE B 60 -5.18 -14.28 -1.62
C ILE B 60 -3.81 -14.27 -2.32
N SER B 61 -3.75 -14.78 -3.54
CA SER B 61 -2.45 -14.98 -4.18
C SER B 61 -1.79 -13.65 -4.50
N GLN B 62 -2.60 -12.64 -4.89
CA GLN B 62 -2.05 -11.39 -5.39
C GLN B 62 -3.15 -10.35 -5.38
N ILE B 63 -2.74 -9.09 -5.24
CA ILE B 63 -3.71 -8.03 -5.04
C ILE B 63 -4.62 -7.96 -6.25
N SER B 64 -4.14 -8.31 -7.43
CA SER B 64 -4.95 -8.18 -8.63
C SER B 64 -6.20 -9.06 -8.57
N VAL B 65 -6.20 -10.12 -7.75
CA VAL B 65 -7.36 -11.01 -7.69
C VAL B 65 -8.12 -10.83 -6.38
N ALA B 66 -7.79 -9.80 -5.60
CA ALA B 66 -8.58 -9.51 -4.41
C ALA B 66 -10.04 -9.20 -4.77
N GLU B 67 -10.95 -9.77 -3.98
CA GLU B 67 -12.39 -9.59 -4.18
C GLU B 67 -12.82 -8.29 -3.51
N ASP B 68 -13.94 -7.74 -3.96
CA ASP B 68 -14.51 -6.56 -3.34
C ASP B 68 -14.76 -6.74 -1.84
N ASP B 69 -15.22 -7.93 -1.43
N ASP B 69 -15.21 -7.94 -1.46
CA ASP B 69 -15.56 -8.19 -0.04
CA ASP B 69 -15.58 -8.28 -0.09
C ASP B 69 -14.31 -8.23 0.84
C ASP B 69 -14.33 -8.24 0.82
N ASP B 70 -13.13 -8.28 0.21
CA ASP B 70 -11.84 -8.25 0.92
C ASP B 70 -11.36 -6.84 1.23
N GLU B 71 -12.12 -5.82 0.81
CA GLU B 71 -11.70 -4.46 1.01
C GLU B 71 -11.27 -4.13 2.45
N SER B 72 -12.16 -4.47 3.40
N SER B 72 -12.11 -4.44 3.45
CA SER B 72 -11.95 -4.21 4.81
CA SER B 72 -11.78 -4.02 4.80
C SER B 72 -10.66 -4.87 5.29
C SER B 72 -10.62 -4.88 5.34
N LEU B 73 -10.47 -6.12 4.88
CA LEU B 73 -9.31 -6.94 5.26
C LEU B 73 -8.00 -6.29 4.78
N LEU B 74 -8.01 -5.77 3.56
CA LEU B 74 -6.81 -5.12 3.03
C LEU B 74 -6.47 -3.87 3.85
N GLY B 75 -7.51 -3.10 4.17
CA GLY B 75 -7.38 -1.94 5.02
C GLY B 75 -6.84 -2.31 6.39
N HIS B 76 -7.30 -3.46 6.89
CA HIS B 76 -6.82 -3.95 8.18
C HIS B 76 -5.31 -4.21 8.13
N LEU B 77 -4.80 -4.74 7.03
CA LEU B 77 -3.36 -4.94 6.95
C LEU B 77 -2.60 -3.62 7.14
N MET B 78 -3.13 -2.53 6.56
N MET B 78 -3.13 -2.54 6.54
CA MET B 78 -2.47 -1.23 6.64
CA MET B 78 -2.51 -1.22 6.60
C MET B 78 -2.58 -0.64 8.03
C MET B 78 -2.59 -0.62 8.01
N ILE B 79 -3.73 -0.79 8.69
CA ILE B 79 -3.89 -0.30 10.07
C ILE B 79 -2.95 -1.07 11.00
N VAL B 80 -2.91 -2.40 10.86
CA VAL B 80 -1.99 -3.20 11.65
C VAL B 80 -0.55 -2.78 11.36
N GLY B 81 -0.21 -2.57 10.09
CA GLY B 81 1.11 -2.11 9.73
C GLY B 81 1.49 -0.80 10.39
N LYS B 82 0.57 0.16 10.40
CA LYS B 82 0.92 1.46 10.95
C LYS B 82 1.02 1.39 12.48
N LYS B 83 0.25 0.51 13.13
CA LYS B 83 0.35 0.30 14.57
C LYS B 83 1.65 -0.40 14.95
N CYS B 84 2.03 -1.44 14.20
CA CYS B 84 3.30 -2.11 14.39
C CYS B 84 4.47 -1.16 14.19
N ALA B 85 4.39 -0.31 13.17
CA ALA B 85 5.46 0.61 12.88
C ALA B 85 5.69 1.55 14.08
N ALA B 86 4.58 2.03 14.66
CA ALA B 86 4.63 2.87 15.86
C ALA B 86 5.25 2.10 17.02
N ASP B 87 4.77 0.87 17.26
CA ASP B 87 5.31 0.03 18.33
C ASP B 87 6.80 -0.26 18.12
N LEU B 88 7.32 -0.28 16.87
CA LEU B 88 8.72 -0.59 16.64
C LEU B 88 9.59 0.66 16.59
N GLY B 89 9.01 1.81 16.94
CA GLY B 89 9.79 3.04 17.07
C GLY B 89 10.00 3.82 15.78
N LEU B 90 9.15 3.62 14.75
CA LEU B 90 9.41 4.29 13.49
C LEU B 90 8.75 5.67 13.46
N ASN B 91 9.21 6.53 14.37
CA ASN B 91 8.58 7.83 14.56
C ASN B 91 9.00 8.83 13.47
N LYS B 92 10.05 8.58 12.67
CA LYS B 92 10.40 9.47 11.60
C LYS B 92 9.72 9.10 10.27
N GLY B 93 8.95 8.01 10.27
CA GLY B 93 8.21 7.62 9.08
C GLY B 93 8.66 6.28 8.51
N TYR B 94 8.01 5.89 7.40
CA TYR B 94 8.18 4.55 6.86
C TYR B 94 7.51 4.50 5.49
N ARG B 95 7.79 3.42 4.78
CA ARG B 95 7.19 3.17 3.50
C ARG B 95 6.47 1.82 3.47
N MET B 96 5.25 1.83 2.94
CA MET B 96 4.44 0.63 2.78
C MET B 96 4.39 0.24 1.30
N VAL B 97 4.54 -1.06 1.01
CA VAL B 97 4.64 -1.47 -0.37
C VAL B 97 3.86 -2.77 -0.58
N VAL B 98 3.10 -2.83 -1.66
CA VAL B 98 2.52 -4.06 -2.16
C VAL B 98 3.00 -4.24 -3.60
N ASN B 99 3.61 -5.39 -3.85
CA ASN B 99 4.08 -5.73 -5.19
C ASN B 99 3.08 -6.67 -5.84
N GLU B 100 2.78 -6.43 -7.12
CA GLU B 100 1.95 -7.31 -7.95
C GLU B 100 2.70 -7.78 -9.19
N GLY B 101 2.79 -9.11 -9.35
CA GLY B 101 3.27 -9.69 -10.60
C GLY B 101 4.77 -9.45 -10.84
N SER B 102 5.14 -9.77 -12.08
N SER B 102 5.24 -9.80 -12.05
CA SER B 102 6.51 -9.81 -12.52
CA SER B 102 6.67 -9.78 -12.33
C SER B 102 7.12 -8.41 -12.48
C SER B 102 7.17 -8.33 -12.41
N ASP B 103 6.43 -7.44 -13.08
CA ASP B 103 6.91 -6.06 -13.13
C ASP B 103 6.93 -5.48 -11.71
N GLY B 104 5.97 -5.88 -10.86
CA GLY B 104 5.98 -5.38 -9.47
C GLY B 104 7.06 -5.98 -8.59
N GLY B 105 7.71 -7.03 -9.06
CA GLY B 105 8.75 -7.74 -8.31
C GLY B 105 8.16 -8.56 -7.18
N GLN B 106 6.92 -9.03 -7.36
CA GLN B 106 6.28 -9.85 -6.34
C GLN B 106 7.04 -11.17 -6.15
N SER B 107 7.50 -11.40 -4.93
CA SER B 107 8.37 -12.54 -4.63
C SER B 107 7.62 -13.78 -4.16
N VAL B 108 6.47 -13.63 -3.49
CA VAL B 108 5.68 -14.74 -2.94
C VAL B 108 4.24 -14.48 -3.36
N TYR B 109 3.57 -15.52 -3.88
CA TYR B 109 2.20 -15.38 -4.36
C TYR B 109 1.24 -15.64 -3.20
N HIS B 110 1.38 -14.76 -2.19
CA HIS B 110 0.47 -14.62 -1.06
C HIS B 110 0.53 -13.12 -0.74
N VAL B 111 -0.58 -12.42 -0.83
CA VAL B 111 -0.59 -10.97 -0.70
C VAL B 111 0.15 -10.59 0.58
N HIS B 112 1.04 -9.60 0.46
CA HIS B 112 1.81 -9.14 1.60
C HIS B 112 2.09 -7.65 1.52
N LEU B 113 1.92 -6.96 2.66
CA LEU B 113 2.28 -5.55 2.73
C LEU B 113 3.66 -5.42 3.38
N HIS B 114 4.62 -4.84 2.66
CA HIS B 114 5.93 -4.54 3.23
C HIS B 114 5.83 -3.24 3.99
N VAL B 115 6.53 -3.15 5.14
CA VAL B 115 6.67 -1.90 5.87
C VAL B 115 8.16 -1.72 6.17
N LEU B 116 8.75 -0.64 5.65
CA LEU B 116 10.19 -0.39 5.72
C LEU B 116 10.42 0.96 6.39
N GLY B 117 11.40 1.01 7.30
CA GLY B 117 11.77 2.28 7.91
C GLY B 117 13.09 2.17 8.65
N GLY B 118 13.44 3.23 9.36
CA GLY B 118 14.71 3.28 10.08
C GLY B 118 15.84 3.83 9.23
N ARG B 119 15.53 4.30 8.00
CA ARG B 119 16.43 5.01 7.12
C ARG B 119 15.60 5.87 6.19
N GLN B 120 16.25 6.83 5.52
CA GLN B 120 15.60 7.57 4.46
C GLN B 120 15.28 6.62 3.29
N MET B 121 14.00 6.55 2.96
CA MET B 121 13.56 5.85 1.76
C MET B 121 13.64 6.81 0.58
N HIS B 122 14.09 6.30 -0.58
CA HIS B 122 14.40 7.16 -1.70
C HIS B 122 13.29 7.16 -2.77
N TRP B 123 13.53 7.96 -3.81
CA TRP B 123 12.59 8.07 -4.91
C TRP B 123 13.40 8.00 -6.19
N PRO B 124 13.01 7.23 -7.23
CA PRO B 124 11.79 6.41 -7.23
C PRO B 124 11.82 5.20 -6.29
N PRO B 125 10.63 4.59 -6.02
CA PRO B 125 10.54 3.44 -5.13
C PRO B 125 10.83 2.16 -5.85
N GLY B 126 12.06 2.07 -6.37
CA GLY B 126 12.43 1.04 -7.32
C GLY B 126 12.04 1.37 -8.75
C2 XKB C . -0.64 15.79 -9.66
C4 XKB C . 0.82 16.02 -7.92
C5 XKB C . 0.61 17.39 -7.77
C6 XKB C . -0.28 17.99 -8.63
N6 XKB C . -0.70 19.27 -8.75
C11 XKB C . 4.64 12.09 -2.01
N12 XKB C . 5.73 11.35 -1.88
O5' XKB C . 4.22 12.10 -3.29
C5' XKB C . 3.18 13.04 -3.60
C4' XKB C . 2.97 12.98 -5.08
O4' XKB C . 2.01 13.97 -5.43
C3' XKB C . 4.24 13.20 -5.94
O3' XKB C . 4.54 11.99 -6.66
C2' XKB C . 3.85 14.42 -6.79
O2' XKB C . 4.41 14.36 -8.09
C1' XKB C . 2.31 14.39 -6.75
N9 XKB C . 1.68 15.68 -6.97
C8 XKB C . 2.01 16.83 -6.26
N7 XKB C . 1.38 17.90 -6.71
N1 XKB C . -0.87 17.16 -9.59
N3 XKB C . 0.25 15.23 -8.84
C9 XKB C . -1.56 19.23 -9.82
C10 XKB C . -1.72 17.97 -10.32
O11 XKB C . 4.12 12.73 -1.10
C12 XKB C . 6.48 10.75 -3.01
C13 XKB C . 7.54 11.61 -3.57
C14 XKB C . 8.47 12.25 -2.59
C15 XKB C . 8.38 13.53 -2.13
N15 XKB C . 9.37 13.78 -1.22
C16 XKB C . 10.15 12.67 -1.09
C21 XKB C . 9.61 11.66 -1.93
C20 XKB C . 10.22 10.40 -1.93
C19 XKB C . 11.36 10.18 -1.16
C18 XKB C . 11.89 11.20 -0.37
C17 XKB C . 11.29 12.45 -0.31
N2 XKB C . -1.26 15.11 -10.60
#